data_4QJX
#
_entry.id   4QJX
#
_cell.length_a   56.822
_cell.length_b   56.822
_cell.length_c   159.608
_cell.angle_alpha   90.000
_cell.angle_beta   90.000
_cell.angle_gamma   90.000
#
_symmetry.space_group_name_H-M   'P 43 21 2'
#
loop_
_entity.id
_entity.type
_entity.pdbx_description
1 polymer 'Carbonic anhydrase 13'
2 non-polymer 'ZINC ION'
3 non-polymer DI(HYDROXYETHYL)ETHER
4 non-polymer 1,2-ETHANEDIOL
5 non-polymer 3-(benzylamino)-2,5,6-trifluoro-4-[(2-hydroxyethyl)sulfonyl]benzenesulfonamide
6 water water
#
_entity_poly.entity_id   1
_entity_poly.type   'polypeptide(L)'
_entity_poly.pdbx_seq_one_letter_code
;MMSRLSWGYREHNGPIHWKEFFPIADGDQQSPIEIKTKEVKYDSSLRPLSIKYDPSSAKIISNSGHSFNVDFDDTENKSV
LRGGPLTGSYRLRQVHLHWGSADDHGSEHIVDGVSYAAELHVVHWNSDKYPSFVEAAHEPDGLAVLGVFLQIGEPNSQLQ
KITDTLDSIKEKGKQTRFTNFDLLSLLPPSWDYWTYPGSLTVPPLLESVTWIVLKQPINISSQQLAKFRSLLCTAEGEAA
AFLVSNHRPPQPLKGRKVRASFH
;
_entity_poly.pdbx_strand_id   A
#
# COMPACT_ATOMS: atom_id res chain seq x y z
N SER A 6 6.86 -19.25 -1.82
CA SER A 6 7.77 -18.58 -2.80
C SER A 6 7.07 -17.84 -4.02
N TRP A 7 5.89 -17.27 -3.76
CA TRP A 7 5.32 -16.27 -4.65
C TRP A 7 6.19 -15.05 -4.89
N GLY A 8 6.02 -14.44 -6.04
CA GLY A 8 6.78 -13.22 -6.30
C GLY A 8 6.16 -12.48 -7.47
N TYR A 9 6.98 -11.76 -8.24
CA TYR A 9 6.49 -11.03 -9.42
C TYR A 9 7.29 -11.45 -10.66
N ARG A 10 8.09 -12.50 -10.51
CA ARG A 10 8.88 -13.00 -11.66
C ARG A 10 7.95 -13.85 -12.58
N GLU A 11 8.46 -14.28 -13.74
CA GLU A 11 7.61 -15.02 -14.73
C GLU A 11 6.92 -16.24 -14.17
N HIS A 12 7.70 -17.01 -13.41
N HIS A 12 7.62 -17.12 -13.47
CA HIS A 12 7.35 -18.32 -12.91
CA HIS A 12 6.95 -18.37 -13.04
C HIS A 12 6.53 -18.33 -11.63
C HIS A 12 6.20 -18.24 -11.73
N ASN A 13 6.48 -17.18 -10.95
CA ASN A 13 5.82 -17.04 -9.64
C ASN A 13 4.94 -15.79 -9.41
N GLY A 14 4.63 -15.11 -10.53
CA GLY A 14 4.04 -13.77 -10.50
C GLY A 14 2.53 -13.87 -10.34
N PRO A 15 1.84 -12.73 -10.41
CA PRO A 15 0.40 -12.60 -10.11
C PRO A 15 -0.50 -13.63 -10.84
N ILE A 16 -0.23 -13.99 -12.11
CA ILE A 16 -1.17 -14.92 -12.75
C ILE A 16 -1.08 -16.30 -12.16
N HIS A 17 -0.01 -16.59 -11.45
CA HIS A 17 0.18 -17.93 -10.86
C HIS A 17 -0.28 -18.01 -9.41
N TRP A 18 -0.55 -16.89 -8.75
CA TRP A 18 -0.86 -16.94 -7.28
C TRP A 18 -2.06 -17.79 -6.96
N LYS A 19 -3.02 -17.81 -7.84
CA LYS A 19 -4.21 -18.67 -7.64
C LYS A 19 -3.90 -20.18 -7.47
N GLU A 20 -2.76 -20.62 -8.00
CA GLU A 20 -2.41 -22.05 -7.94
C GLU A 20 -2.18 -22.41 -6.47
N PHE A 21 -1.81 -21.41 -5.66
CA PHE A 21 -1.51 -21.60 -4.25
C PHE A 21 -2.43 -20.89 -3.29
N PHE A 22 -3.11 -19.84 -3.77
CA PHE A 22 -4.02 -19.01 -2.94
C PHE A 22 -5.29 -18.82 -3.79
N PRO A 23 -6.26 -19.76 -3.66
CA PRO A 23 -7.45 -19.75 -4.47
C PRO A 23 -8.30 -18.50 -4.25
N ILE A 24 -8.10 -17.78 -3.15
CA ILE A 24 -8.85 -16.59 -2.96
C ILE A 24 -8.36 -15.53 -4.00
N ALA A 25 -7.28 -15.78 -4.76
CA ALA A 25 -6.87 -14.82 -5.87
C ALA A 25 -8.00 -14.52 -6.87
N ASP A 26 -8.88 -15.51 -7.07
CA ASP A 26 -10.12 -15.37 -7.85
C ASP A 26 -11.40 -14.99 -7.06
N GLY A 27 -11.26 -14.38 -5.88
CA GLY A 27 -12.40 -14.11 -5.00
C GLY A 27 -13.31 -12.96 -5.47
N ASP A 28 -14.41 -12.76 -4.75
CA ASP A 28 -15.45 -11.72 -4.96
C ASP A 28 -14.92 -10.29 -4.72
N GLN A 29 -13.88 -10.12 -3.91
CA GLN A 29 -13.51 -8.74 -3.48
C GLN A 29 -11.99 -8.58 -3.54
N GLN A 30 -11.42 -8.85 -4.74
CA GLN A 30 -9.94 -8.74 -4.94
C GLN A 30 -9.50 -7.30 -5.36
N SER A 31 -8.25 -6.97 -5.01
CA SER A 31 -7.68 -5.61 -5.24
C SER A 31 -6.34 -5.80 -5.95
N PRO A 32 -5.81 -4.78 -6.66
CA PRO A 32 -6.33 -3.46 -6.90
C PRO A 32 -7.44 -3.51 -7.94
N ILE A 33 -8.01 -2.34 -8.28
CA ILE A 33 -9.10 -2.29 -9.29
C ILE A 33 -8.85 -1.04 -10.16
N GLU A 34 -9.60 -0.93 -11.26
CA GLU A 34 -9.60 0.28 -12.02
C GLU A 34 -10.70 1.11 -11.43
N ILE A 35 -10.37 2.32 -11.01
CA ILE A 35 -11.41 3.26 -10.59
C ILE A 35 -11.97 4.00 -11.82
N LYS A 36 -13.26 3.78 -12.10
CA LYS A 36 -13.90 4.41 -13.29
C LYS A 36 -14.82 5.51 -12.81
N THR A 37 -14.38 6.75 -12.97
CA THR A 37 -15.00 7.83 -12.23
C THR A 37 -16.44 8.12 -12.64
N LYS A 38 -16.89 7.57 -13.76
CA LYS A 38 -18.26 7.81 -14.15
C LYS A 38 -19.22 6.80 -13.49
N GLU A 39 -18.68 5.70 -12.98
CA GLU A 39 -19.48 4.68 -12.29
C GLU A 39 -19.38 4.90 -10.79
N VAL A 40 -18.44 5.76 -10.40
CA VAL A 40 -18.24 6.12 -8.98
C VAL A 40 -19.45 6.83 -8.42
N LYS A 41 -19.84 6.47 -7.20
CA LYS A 41 -21.00 7.10 -6.55
C LYS A 41 -20.57 8.13 -5.47
N TYR A 42 -20.88 9.43 -5.63
CA TYR A 42 -20.69 10.37 -4.52
C TYR A 42 -21.59 9.94 -3.34
N ASP A 43 -21.07 9.97 -2.09
CA ASP A 43 -21.79 9.51 -0.89
C ASP A 43 -21.60 10.52 0.29
N SER A 44 -22.67 11.24 0.64
CA SER A 44 -22.64 12.27 1.70
C SER A 44 -22.53 11.72 3.13
N SER A 45 -22.74 10.42 3.32
CA SER A 45 -22.43 9.80 4.60
C SER A 45 -20.92 9.57 4.84
N LEU A 46 -20.09 9.63 3.79
CA LEU A 46 -18.65 9.51 3.99
C LEU A 46 -18.08 10.69 4.76
N ARG A 47 -17.41 10.41 5.86
CA ARG A 47 -16.68 11.42 6.62
C ARG A 47 -15.30 11.78 6.00
N PRO A 48 -14.82 13.01 6.28
CA PRO A 48 -13.45 13.34 5.93
C PRO A 48 -12.53 12.41 6.69
N LEU A 49 -11.30 12.26 6.20
CA LEU A 49 -10.38 11.34 6.91
C LEU A 49 -9.85 12.17 8.07
N SER A 50 -9.59 11.54 9.21
CA SER A 50 -8.93 12.24 10.28
C SER A 50 -7.82 11.35 10.72
N ILE A 51 -6.64 11.92 10.80
CA ILE A 51 -5.39 11.17 10.95
C ILE A 51 -4.57 11.72 12.09
N LYS A 52 -4.46 10.97 13.20
CA LYS A 52 -3.40 11.20 14.21
C LYS A 52 -2.16 10.44 13.81
N TYR A 53 -1.02 11.07 14.01
CA TYR A 53 0.21 10.42 13.67
C TYR A 53 1.39 10.93 14.52
N ASP A 54 2.26 10.01 14.89
CA ASP A 54 3.40 10.30 15.71
C ASP A 54 4.64 9.81 15.00
N PRO A 55 5.50 10.74 14.58
CA PRO A 55 6.73 10.43 13.85
C PRO A 55 7.69 9.52 14.61
N SER A 56 7.71 9.54 15.94
CA SER A 56 8.46 8.55 16.71
C SER A 56 7.79 7.14 16.69
N SER A 57 6.57 7.01 16.15
CA SER A 57 5.92 5.66 16.04
C SER A 57 6.72 4.77 15.09
N ALA A 58 7.38 5.38 14.09
CA ALA A 58 8.14 4.57 13.11
C ALA A 58 9.30 3.90 13.85
N LYS A 59 9.60 2.62 13.58
CA LYS A 59 10.70 2.00 14.27
C LYS A 59 11.81 1.44 13.37
N ILE A 60 11.43 0.81 12.24
CA ILE A 60 12.43 0.20 11.34
C ILE A 60 11.94 0.17 9.91
N ILE A 61 12.89 0.01 9.02
CA ILE A 61 12.60 -0.31 7.60
C ILE A 61 13.31 -1.62 7.20
N SER A 62 12.61 -2.43 6.42
CA SER A 62 13.22 -3.67 5.99
C SER A 62 12.82 -3.96 4.56
N ASN A 63 13.58 -4.86 3.96
CA ASN A 63 13.25 -5.42 2.65
C ASN A 63 12.56 -6.75 2.83
N SER A 64 11.30 -6.78 2.44
CA SER A 64 10.52 -8.01 2.60
C SER A 64 10.80 -8.99 1.48
N GLY A 65 11.50 -8.54 0.46
CA GLY A 65 11.61 -9.28 -0.78
C GLY A 65 10.53 -8.89 -1.78
N HIS A 66 9.52 -8.17 -1.29
CA HIS A 66 8.39 -7.77 -2.14
C HIS A 66 8.24 -6.31 -2.24
N SER A 67 8.83 -5.60 -1.29
CA SER A 67 8.78 -4.11 -1.24
C SER A 67 9.69 -3.77 -0.12
N PHE A 68 9.88 -2.49 0.21
CA PHE A 68 10.41 -2.18 1.55
C PHE A 68 9.19 -2.08 2.49
N ASN A 69 9.36 -2.27 3.82
N ASN A 69 9.31 -2.27 3.81
CA ASN A 69 8.30 -1.96 4.79
CA ASN A 69 8.21 -1.87 4.68
C ASN A 69 8.84 -1.09 5.89
C ASN A 69 8.73 -1.15 5.92
N VAL A 70 8.15 0.01 6.20
CA VAL A 70 8.41 0.74 7.42
C VAL A 70 7.36 0.17 8.45
N ASP A 71 7.83 -0.42 9.57
CA ASP A 71 6.95 -0.94 10.65
C ASP A 71 6.92 0.12 11.74
N PHE A 72 5.83 0.16 12.46
CA PHE A 72 5.58 1.15 13.49
C PHE A 72 5.09 0.45 14.75
N ASP A 73 5.48 0.97 15.91
CA ASP A 73 4.86 0.55 17.18
C ASP A 73 3.37 0.67 17.14
N ASP A 74 2.67 -0.40 17.45
CA ASP A 74 1.25 -0.35 17.35
C ASP A 74 0.58 -0.96 18.63
N THR A 75 1.06 -0.54 19.79
CA THR A 75 0.51 -1.00 21.09
C THR A 75 -0.40 0.11 21.68
N GLU A 76 -0.32 1.32 21.10
CA GLU A 76 -1.09 2.48 21.59
C GLU A 76 -1.83 3.16 20.42
N ASN A 77 -2.76 4.05 20.71
CA ASN A 77 -3.46 4.73 19.67
C ASN A 77 -2.83 6.07 19.34
N LYS A 78 -1.49 6.09 19.28
CA LYS A 78 -0.76 7.32 18.91
C LYS A 78 -0.83 7.61 17.40
N SER A 79 -0.89 6.57 16.56
CA SER A 79 -1.01 6.83 15.08
C SER A 79 -2.15 6.03 14.57
N VAL A 80 -3.23 6.71 14.20
CA VAL A 80 -4.51 6.09 13.86
C VAL A 80 -5.15 6.80 12.70
N LEU A 81 -6.00 6.07 12.00
CA LEU A 81 -6.84 6.59 10.99
C LEU A 81 -8.28 6.33 11.45
N ARG A 82 -9.10 7.38 11.32
N ARG A 82 -9.10 7.38 11.42
CA ARG A 82 -10.50 7.36 11.69
CA ARG A 82 -10.53 7.24 11.63
C ARG A 82 -11.25 8.17 10.64
C ARG A 82 -11.25 8.15 10.65
N GLY A 83 -12.57 8.14 10.72
CA GLY A 83 -13.42 8.88 9.83
C GLY A 83 -13.40 8.17 8.51
N GLY A 84 -13.51 8.94 7.45
CA GLY A 84 -13.72 8.26 6.14
C GLY A 84 -14.91 7.29 6.14
N PRO A 85 -14.75 6.11 5.49
CA PRO A 85 -15.81 5.10 5.57
C PRO A 85 -15.78 4.24 6.83
N LEU A 86 -14.86 4.49 7.76
CA LEU A 86 -14.51 3.53 8.78
C LEU A 86 -15.39 3.69 10.04
N THR A 87 -15.76 2.60 10.70
CA THR A 87 -16.29 2.77 12.05
C THR A 87 -15.22 2.38 13.01
N GLY A 88 -14.90 3.29 13.93
CA GLY A 88 -13.93 3.01 14.94
C GLY A 88 -12.56 3.39 14.48
N SER A 89 -11.56 2.97 15.28
CA SER A 89 -10.18 3.47 15.14
C SER A 89 -9.25 2.41 14.58
N TYR A 90 -8.55 2.80 13.51
CA TYR A 90 -7.62 1.87 12.83
C TYR A 90 -6.17 2.24 13.07
N ARG A 91 -5.48 1.36 13.77
CA ARG A 91 -4.13 1.59 14.19
C ARG A 91 -3.08 1.36 13.11
N LEU A 92 -2.15 2.31 12.96
CA LEU A 92 -1.13 2.23 11.89
C LEU A 92 -0.23 1.04 12.16
N ARG A 93 0.07 0.25 11.11
CA ARG A 93 0.98 -0.89 11.26
C ARG A 93 2.22 -0.77 10.39
N GLN A 94 2.05 -0.50 9.08
CA GLN A 94 3.27 -0.44 8.24
C GLN A 94 3.01 0.39 6.99
N VAL A 95 4.08 0.81 6.33
CA VAL A 95 3.94 1.55 5.05
C VAL A 95 4.84 0.84 4.03
N HIS A 96 4.39 0.71 2.78
CA HIS A 96 5.27 0.13 1.76
C HIS A 96 4.92 0.78 0.41
N LEU A 97 5.58 0.36 -0.69
CA LEU A 97 5.37 1.04 -1.97
C LEU A 97 5.33 0.00 -3.12
N HIS A 98 4.56 0.28 -4.17
CA HIS A 98 4.54 -0.55 -5.37
C HIS A 98 4.99 0.30 -6.56
N TRP A 99 5.77 -0.31 -7.45
CA TRP A 99 6.17 0.39 -8.70
C TRP A 99 6.23 -0.56 -9.82
N GLY A 100 6.65 -0.06 -10.98
CA GLY A 100 6.70 -0.96 -12.15
C GLY A 100 8.09 -0.78 -12.77
N SER A 101 8.37 -1.50 -13.85
CA SER A 101 9.73 -1.35 -14.47
C SER A 101 9.89 -0.08 -15.31
N ALA A 102 8.77 0.62 -15.55
CA ALA A 102 8.78 1.81 -16.40
C ALA A 102 8.15 2.94 -15.60
N ASP A 103 8.68 4.15 -15.69
CA ASP A 103 8.18 5.24 -14.84
C ASP A 103 6.72 5.60 -15.04
N ASP A 104 6.10 5.08 -16.09
CA ASP A 104 4.75 5.57 -16.39
C ASP A 104 3.66 4.54 -16.13
N HIS A 105 4.05 3.40 -15.54
CA HIS A 105 3.12 2.30 -15.39
C HIS A 105 3.51 1.47 -14.15
N GLY A 106 3.37 2.04 -12.95
CA GLY A 106 3.76 1.31 -11.72
C GLY A 106 2.73 1.19 -10.63
N SER A 107 1.66 1.98 -10.71
CA SER A 107 0.65 1.93 -9.62
C SER A 107 -0.17 0.61 -9.62
N GLU A 108 -0.79 0.27 -8.47
CA GLU A 108 -1.67 -0.89 -8.46
C GLU A 108 -3.05 -0.49 -8.97
N HIS A 109 -3.68 0.45 -8.29
CA HIS A 109 -4.95 1.01 -8.81
C HIS A 109 -4.69 1.82 -10.05
N ILE A 110 -5.66 1.84 -10.96
CA ILE A 110 -5.58 2.79 -12.12
C ILE A 110 -6.84 3.62 -12.12
N VAL A 111 -6.79 4.82 -12.70
CA VAL A 111 -7.94 5.70 -12.68
C VAL A 111 -8.34 6.03 -14.15
N ASP A 112 -9.50 5.58 -14.60
CA ASP A 112 -9.95 5.81 -15.97
C ASP A 112 -8.84 5.49 -16.99
N GLY A 113 -8.30 4.30 -16.94
CA GLY A 113 -7.30 3.85 -17.88
C GLY A 113 -5.85 4.28 -17.56
N VAL A 114 -5.68 5.19 -16.62
CA VAL A 114 -4.35 5.81 -16.39
C VAL A 114 -3.62 5.23 -15.18
N SER A 115 -2.35 4.83 -15.36
CA SER A 115 -1.54 4.33 -14.28
C SER A 115 -0.67 5.50 -13.84
N TYR A 116 -0.20 5.45 -12.58
CA TYR A 116 0.73 6.41 -12.02
C TYR A 116 2.10 5.76 -11.93
N ALA A 117 3.12 6.54 -11.53
CA ALA A 117 4.47 5.98 -11.53
C ALA A 117 4.59 4.93 -10.42
N ALA A 118 3.85 5.14 -9.33
CA ALA A 118 3.97 4.24 -8.22
C ALA A 118 2.81 4.46 -7.28
N GLU A 119 2.76 3.72 -6.18
CA GLU A 119 1.60 3.85 -5.30
C GLU A 119 2.01 3.43 -3.90
N LEU A 120 1.80 4.32 -2.94
CA LEU A 120 2.22 4.10 -1.56
C LEU A 120 1.03 3.52 -0.82
N HIS A 121 1.30 2.48 0.04
CA HIS A 121 0.19 1.88 0.84
C HIS A 121 0.49 2.09 2.33
N VAL A 122 -0.52 2.56 3.03
CA VAL A 122 -0.36 2.77 4.48
C VAL A 122 -1.43 1.86 5.11
N VAL A 123 -0.95 0.88 5.88
CA VAL A 123 -1.80 -0.24 6.30
C VAL A 123 -2.13 -0.08 7.80
N HIS A 124 -3.41 -0.20 8.14
CA HIS A 124 -3.91 0.00 9.52
C HIS A 124 -4.83 -1.16 9.89
N TRP A 125 -5.03 -1.40 11.18
CA TRP A 125 -5.89 -2.48 11.64
C TRP A 125 -6.82 -2.07 12.73
N ASN A 126 -7.97 -2.74 12.83
CA ASN A 126 -9.09 -2.29 13.69
C ASN A 126 -8.75 -2.83 15.11
N SER A 127 -8.02 -2.02 15.89
CA SER A 127 -7.73 -2.35 17.28
C SER A 127 -8.91 -2.16 18.30
N ASP A 128 -9.97 -1.49 17.87
CA ASP A 128 -11.18 -1.42 18.65
C ASP A 128 -11.86 -2.77 18.68
N LYS A 129 -11.63 -3.64 17.68
CA LYS A 129 -12.37 -4.92 17.65
C LYS A 129 -11.47 -6.17 17.78
N TYR A 130 -10.23 -6.08 17.34
CA TYR A 130 -9.37 -7.25 17.24
C TYR A 130 -8.11 -7.04 18.02
N PRO A 131 -7.49 -8.14 18.49
CA PRO A 131 -6.36 -8.07 19.41
C PRO A 131 -5.05 -7.87 18.74
N SER A 132 -5.02 -8.07 17.43
CA SER A 132 -3.71 -7.97 16.76
C SER A 132 -3.92 -7.71 15.28
N PHE A 133 -2.87 -7.24 14.64
CA PHE A 133 -2.93 -7.04 13.17
C PHE A 133 -3.23 -8.37 12.46
N VAL A 134 -2.55 -9.44 12.86
CA VAL A 134 -2.76 -10.76 12.20
C VAL A 134 -4.19 -11.21 12.31
N GLU A 135 -4.81 -11.00 13.48
N GLU A 135 -4.81 -11.06 13.49
CA GLU A 135 -6.19 -11.40 13.59
CA GLU A 135 -6.23 -11.41 13.60
C GLU A 135 -7.18 -10.47 12.83
C GLU A 135 -7.12 -10.49 12.72
N ALA A 136 -6.92 -9.16 12.80
CA ALA A 136 -7.75 -8.25 12.00
C ALA A 136 -7.68 -8.59 10.49
N ALA A 137 -6.54 -9.09 10.05
CA ALA A 137 -6.37 -9.34 8.59
C ALA A 137 -7.29 -10.43 8.08
N HIS A 138 -7.90 -11.14 9.02
CA HIS A 138 -8.85 -12.24 8.75
C HIS A 138 -10.31 -11.86 8.89
N GLU A 139 -10.61 -10.56 8.99
CA GLU A 139 -12.01 -10.10 9.17
C GLU A 139 -12.36 -9.04 8.13
N PRO A 140 -13.59 -9.03 7.66
CA PRO A 140 -13.94 -8.09 6.56
C PRO A 140 -13.77 -6.62 6.94
N ASP A 141 -13.96 -6.29 8.22
CA ASP A 141 -13.77 -4.91 8.71
C ASP A 141 -12.45 -4.76 9.37
N GLY A 142 -11.52 -5.68 9.15
CA GLY A 142 -10.30 -5.69 10.00
C GLY A 142 -9.21 -4.68 9.64
N LEU A 143 -9.00 -4.45 8.34
CA LEU A 143 -7.92 -3.57 7.85
C LEU A 143 -8.46 -2.37 7.02
N ALA A 144 -7.70 -1.29 7.12
CA ALA A 144 -7.95 -0.08 6.32
C ALA A 144 -6.60 0.28 5.74
N VAL A 145 -6.56 0.47 4.43
CA VAL A 145 -5.31 0.78 3.71
C VAL A 145 -5.53 2.06 2.90
N LEU A 146 -4.63 2.98 3.17
CA LEU A 146 -4.68 4.26 2.51
C LEU A 146 -3.78 4.16 1.31
N GLY A 147 -4.27 4.47 0.12
CA GLY A 147 -3.43 4.39 -1.10
C GLY A 147 -3.14 5.79 -1.61
N VAL A 148 -1.87 6.10 -1.90
CA VAL A 148 -1.51 7.45 -2.40
C VAL A 148 -0.75 7.25 -3.71
N PHE A 149 -1.19 7.89 -4.80
CA PHE A 149 -0.42 7.74 -6.05
C PHE A 149 0.82 8.61 -6.03
N LEU A 150 1.89 8.12 -6.70
CA LEU A 150 3.06 8.95 -6.97
C LEU A 150 3.18 9.23 -8.46
N GLN A 151 3.46 10.49 -8.80
CA GLN A 151 3.81 10.82 -10.18
C GLN A 151 5.22 11.42 -10.22
N ILE A 152 5.88 11.36 -11.36
CA ILE A 152 7.23 11.94 -11.50
C ILE A 152 7.08 13.45 -11.31
N GLY A 153 7.88 14.04 -10.42
CA GLY A 153 7.93 15.51 -10.17
C GLY A 153 9.04 15.89 -9.17
N GLU A 154 8.88 16.97 -8.41
CA GLU A 154 9.93 17.35 -7.41
C GLU A 154 10.10 16.33 -6.23
N PRO A 155 11.38 15.96 -5.89
CA PRO A 155 11.68 14.87 -4.92
C PRO A 155 11.03 15.19 -3.61
N ASN A 156 10.39 14.19 -3.00
CA ASN A 156 9.78 14.37 -1.67
C ASN A 156 10.86 14.06 -0.60
N SER A 157 10.96 14.88 0.44
CA SER A 157 12.12 14.75 1.35
C SER A 157 11.94 13.52 2.23
N GLN A 158 10.70 13.12 2.47
CA GLN A 158 10.50 11.90 3.24
C GLN A 158 10.73 10.69 2.38
N LEU A 159 10.46 10.79 1.08
CA LEU A 159 10.88 9.73 0.16
C LEU A 159 12.40 9.64 0.05
N GLN A 160 13.04 10.80 0.11
CA GLN A 160 14.51 10.77 0.22
C GLN A 160 15.05 10.06 1.50
N LYS A 161 14.45 10.33 2.65
CA LYS A 161 14.76 9.63 3.89
C LYS A 161 14.67 8.10 3.62
N ILE A 162 13.65 7.66 2.88
CA ILE A 162 13.58 6.21 2.53
C ILE A 162 14.67 5.77 1.57
N THR A 163 14.86 6.51 0.47
CA THR A 163 15.79 6.04 -0.49
C THR A 163 17.21 5.97 0.04
N ASP A 164 17.54 6.87 0.98
CA ASP A 164 18.88 6.85 1.56
C ASP A 164 19.21 5.55 2.33
N THR A 165 18.22 4.75 2.68
CA THR A 165 18.45 3.49 3.39
C THR A 165 18.57 2.26 2.54
N LEU A 166 18.21 2.36 1.25
CA LEU A 166 18.02 1.19 0.42
C LEU A 166 19.31 0.41 0.18
N ASP A 167 20.48 1.07 0.11
CA ASP A 167 21.74 0.29 0.01
C ASP A 167 21.95 -0.63 1.24
N SER A 168 21.53 -0.18 2.44
CA SER A 168 21.66 -1.00 3.68
C SER A 168 20.62 -2.15 3.78
N ILE A 169 19.58 -2.14 2.95
CA ILE A 169 18.64 -3.24 2.97
C ILE A 169 18.50 -3.89 1.58
N LYS A 170 19.59 -3.96 0.84
CA LYS A 170 19.49 -4.46 -0.56
C LYS A 170 18.94 -5.89 -0.66
N GLU A 171 19.43 -6.78 0.21
CA GLU A 171 19.02 -8.21 0.18
C GLU A 171 17.72 -8.42 1.00
N LYS A 172 16.90 -9.34 0.55
N LYS A 172 16.89 -9.35 0.55
CA LYS A 172 15.70 -9.75 1.27
CA LYS A 172 15.70 -9.74 1.28
C LYS A 172 16.04 -10.12 2.70
C LYS A 172 16.06 -10.09 2.71
N GLY A 173 15.28 -9.58 3.66
CA GLY A 173 15.45 -9.90 5.08
C GLY A 173 16.30 -8.89 5.88
N LYS A 174 17.08 -8.06 5.19
CA LYS A 174 17.86 -7.02 5.86
C LYS A 174 16.95 -5.91 6.36
N GLN A 175 17.40 -5.20 7.41
CA GLN A 175 16.61 -4.10 7.94
C GLN A 175 17.49 -3.06 8.60
N THR A 176 16.90 -1.95 8.99
CA THR A 176 17.65 -0.90 9.65
C THR A 176 16.75 0.05 10.43
N ARG A 177 17.30 0.68 11.50
CA ARG A 177 16.54 1.63 12.37
C ARG A 177 15.92 2.70 11.50
N PHE A 178 14.67 3.06 11.79
CA PHE A 178 13.99 4.04 10.95
C PHE A 178 12.92 4.73 11.75
N THR A 179 13.18 5.97 12.20
CA THR A 179 12.23 6.67 13.06
C THR A 179 12.25 8.17 12.78
N ASN A 180 11.35 8.90 13.44
CA ASN A 180 11.22 10.32 13.10
C ASN A 180 10.80 10.49 11.66
N PHE A 181 9.79 9.71 11.31
CA PHE A 181 9.32 9.59 9.92
C PHE A 181 8.09 10.43 9.83
N ASP A 182 8.22 11.47 9.01
N ASP A 182 8.15 11.47 9.00
CA ASP A 182 7.14 12.36 8.62
CA ASP A 182 7.01 12.38 8.80
C ASP A 182 6.33 11.67 7.51
C ASP A 182 6.02 11.93 7.71
N LEU A 183 5.47 10.75 7.92
CA LEU A 183 4.46 10.14 7.02
C LEU A 183 3.36 11.11 6.52
N LEU A 184 2.93 12.07 7.35
CA LEU A 184 1.90 12.97 6.90
C LEU A 184 2.35 13.78 5.68
N SER A 185 3.67 13.91 5.50
CA SER A 185 4.20 14.66 4.41
C SER A 185 4.30 13.85 3.14
N LEU A 186 3.97 12.55 3.19
CA LEU A 186 3.74 11.75 1.99
C LEU A 186 2.27 11.65 1.63
N LEU A 187 1.47 12.53 2.21
CA LEU A 187 0.12 12.67 1.77
C LEU A 187 0.01 13.99 1.02
N PRO A 188 -0.86 14.02 -0.01
CA PRO A 188 -1.12 15.24 -0.74
C PRO A 188 -1.94 16.24 0.11
N PRO A 189 -2.01 17.50 -0.36
CA PRO A 189 -2.74 18.52 0.36
C PRO A 189 -4.22 18.29 0.31
N SER A 190 -4.69 17.62 -0.71
CA SER A 190 -6.13 17.37 -0.76
C SER A 190 -6.41 15.94 -0.30
N TRP A 191 -7.23 15.78 0.74
CA TRP A 191 -7.52 14.41 1.20
C TRP A 191 -8.81 13.83 0.66
N ASP A 192 -9.29 14.27 -0.53
CA ASP A 192 -10.45 13.67 -1.20
C ASP A 192 -10.00 12.21 -1.56
N TYR A 193 -10.96 11.28 -1.60
CA TYR A 193 -10.66 9.84 -1.73
C TYR A 193 -11.84 9.08 -2.34
N TRP A 194 -11.51 7.94 -2.88
CA TRP A 194 -12.47 6.94 -3.27
C TRP A 194 -12.35 5.79 -2.32
N THR A 195 -13.41 5.04 -2.17
CA THR A 195 -13.33 3.87 -1.24
C THR A 195 -14.13 2.69 -1.74
N TYR A 196 -13.62 1.47 -1.52
CA TYR A 196 -14.36 0.25 -1.89
C TYR A 196 -13.89 -0.90 -1.04
N PRO A 197 -14.70 -1.95 -0.92
CA PRO A 197 -14.17 -3.10 -0.14
C PRO A 197 -13.30 -4.07 -1.00
N GLY A 198 -12.19 -4.56 -0.47
CA GLY A 198 -11.24 -5.34 -1.29
C GLY A 198 -10.32 -6.13 -0.40
N SER A 199 -9.07 -6.27 -0.83
CA SER A 199 -8.22 -7.34 -0.29
C SER A 199 -6.80 -6.86 -0.19
N LEU A 200 -5.94 -7.62 0.48
CA LEU A 200 -4.49 -7.51 0.26
C LEU A 200 -4.18 -7.71 -1.22
N THR A 201 -3.17 -7.01 -1.73
CA THR A 201 -2.81 -7.15 -3.17
C THR A 201 -1.62 -8.12 -3.30
N VAL A 202 -1.19 -8.74 -2.19
CA VAL A 202 -0.19 -9.81 -2.22
C VAL A 202 -0.80 -10.99 -1.51
N PRO A 203 -0.32 -12.21 -1.80
CA PRO A 203 -0.71 -13.36 -1.01
C PRO A 203 -0.48 -13.06 0.50
N PRO A 204 -1.41 -13.46 1.38
CA PRO A 204 -2.57 -14.36 1.26
C PRO A 204 -3.84 -13.74 0.66
N LEU A 205 -3.75 -12.51 0.13
CA LEU A 205 -4.88 -11.95 -0.65
C LEU A 205 -6.18 -11.89 0.15
N LEU A 206 -6.10 -11.79 1.47
CA LEU A 206 -7.30 -11.79 2.33
C LEU A 206 -8.24 -10.61 2.05
N GLU A 207 -9.55 -10.90 2.02
CA GLU A 207 -10.56 -9.89 1.68
C GLU A 207 -10.95 -9.27 3.03
N SER A 208 -10.03 -8.48 3.56
CA SER A 208 -10.20 -7.80 4.82
C SER A 208 -9.98 -6.28 4.75
N VAL A 209 -9.94 -5.72 3.57
CA VAL A 209 -9.46 -4.33 3.41
C VAL A 209 -10.55 -3.35 3.00
N THR A 210 -10.72 -2.31 3.80
CA THR A 210 -11.50 -1.13 3.33
C THR A 210 -10.42 -0.24 2.65
N TRP A 211 -10.49 -0.18 1.33
CA TRP A 211 -9.53 0.64 0.53
C TRP A 211 -9.99 2.09 0.55
N ILE A 212 -9.05 2.97 0.73
CA ILE A 212 -9.25 4.40 0.73
C ILE A 212 -8.12 4.93 -0.18
N VAL A 213 -8.44 5.29 -1.42
CA VAL A 213 -7.43 5.74 -2.40
C VAL A 213 -7.55 7.23 -2.61
N LEU A 214 -6.49 7.98 -2.32
CA LEU A 214 -6.54 9.45 -2.48
C LEU A 214 -6.52 9.85 -3.98
N LYS A 215 -7.35 10.81 -4.35
CA LYS A 215 -7.36 11.29 -5.75
C LYS A 215 -6.01 11.95 -6.11
N GLN A 216 -5.48 12.80 -5.23
CA GLN A 216 -4.33 13.60 -5.64
C GLN A 216 -3.01 12.90 -5.41
N PRO A 217 -2.12 12.84 -6.45
CA PRO A 217 -0.85 12.18 -6.31
C PRO A 217 0.14 13.07 -5.61
N ILE A 218 1.19 12.46 -5.08
CA ILE A 218 2.35 13.17 -4.64
C ILE A 218 3.44 12.99 -5.69
N ASN A 219 4.59 13.63 -5.44
CA ASN A 219 5.65 13.65 -6.37
C ASN A 219 6.86 12.84 -5.93
N ILE A 220 7.44 12.12 -6.87
CA ILE A 220 8.72 11.45 -6.65
C ILE A 220 9.59 11.80 -7.85
N SER A 221 10.92 11.87 -7.70
CA SER A 221 11.78 11.99 -8.87
C SER A 221 12.06 10.65 -9.48
N SER A 222 12.45 10.65 -10.77
CA SER A 222 12.85 9.44 -11.48
C SER A 222 14.03 8.72 -10.82
N GLN A 223 14.97 9.51 -10.30
CA GLN A 223 16.16 8.98 -9.64
C GLN A 223 15.75 8.29 -8.33
N GLN A 224 14.84 8.94 -7.59
CA GLN A 224 14.34 8.37 -6.34
C GLN A 224 13.65 7.06 -6.71
N LEU A 225 12.81 7.09 -7.76
CA LEU A 225 12.02 5.90 -8.06
C LEU A 225 12.89 4.76 -8.56
N ALA A 226 13.91 5.08 -9.35
CA ALA A 226 14.81 4.08 -9.85
C ALA A 226 15.51 3.32 -8.72
N LYS A 227 15.85 3.99 -7.62
CA LYS A 227 16.54 3.36 -6.48
C LYS A 227 15.75 2.15 -5.93
N PHE A 228 14.43 2.20 -5.99
CA PHE A 228 13.63 1.04 -5.44
C PHE A 228 13.88 -0.23 -6.22
N ARG A 229 14.13 -0.07 -7.54
CA ARG A 229 14.33 -1.25 -8.47
C ARG A 229 15.61 -2.05 -8.25
N SER A 230 16.55 -1.46 -7.54
CA SER A 230 17.82 -2.10 -7.19
C SER A 230 17.73 -2.87 -5.86
N LEU A 231 16.56 -2.87 -5.19
CA LEU A 231 16.35 -3.82 -4.08
C LEU A 231 16.26 -5.22 -4.68
N LEU A 232 16.76 -6.21 -3.95
CA LEU A 232 16.62 -7.59 -4.36
C LEU A 232 15.38 -8.27 -3.81
N CYS A 233 14.84 -9.22 -4.57
CA CYS A 233 13.75 -10.08 -4.04
C CYS A 233 14.36 -11.39 -3.52
N THR A 234 15.69 -11.48 -3.57
CA THR A 234 16.46 -12.66 -3.15
C THR A 234 17.33 -12.33 -1.96
N ALA A 235 17.59 -13.34 -1.15
CA ALA A 235 18.35 -13.15 0.09
C ALA A 235 19.88 -13.26 -0.12
N GLU A 236 20.66 -12.80 0.86
CA GLU A 236 22.15 -12.82 0.80
C GLU A 236 22.60 -14.25 0.44
N GLY A 237 23.57 -14.36 -0.47
CA GLY A 237 24.01 -15.67 -0.99
C GLY A 237 22.96 -16.57 -1.69
N GLU A 238 21.93 -15.95 -2.24
CA GLU A 238 21.07 -16.57 -3.26
C GLU A 238 21.54 -15.94 -4.58
N ALA A 239 21.17 -16.52 -5.72
CA ALA A 239 21.49 -15.85 -7.00
C ALA A 239 20.54 -14.65 -7.08
N ALA A 240 21.10 -13.50 -7.34
CA ALA A 240 20.40 -12.23 -7.22
C ALA A 240 19.33 -12.10 -8.29
N ALA A 241 18.12 -11.72 -7.85
CA ALA A 241 17.09 -11.23 -8.78
C ALA A 241 16.58 -9.87 -8.27
N PHE A 242 16.32 -8.92 -9.16
CA PHE A 242 15.93 -7.56 -8.77
C PHE A 242 14.41 -7.41 -8.72
N LEU A 243 13.97 -6.68 -7.72
CA LEU A 243 12.56 -6.27 -7.62
C LEU A 243 12.26 -5.07 -8.53
N VAL A 244 12.28 -5.29 -9.83
CA VAL A 244 12.10 -4.14 -10.79
C VAL A 244 10.63 -3.70 -10.93
N SER A 245 9.72 -4.61 -10.58
CA SER A 245 8.28 -4.35 -10.63
C SER A 245 7.60 -5.21 -9.56
N ASN A 246 6.60 -4.65 -8.88
CA ASN A 246 5.90 -5.32 -7.76
C ASN A 246 4.44 -4.87 -7.66
N HIS A 247 3.82 -4.62 -8.82
CA HIS A 247 2.40 -4.29 -8.79
C HIS A 247 1.54 -5.41 -9.34
N ARG A 248 0.40 -5.65 -8.70
CA ARG A 248 -0.59 -6.62 -9.20
C ARG A 248 -1.50 -5.94 -10.21
N PRO A 249 -1.93 -6.62 -11.27
CA PRO A 249 -2.87 -6.01 -12.22
C PRO A 249 -4.23 -5.74 -11.55
N PRO A 250 -5.06 -4.84 -12.11
CA PRO A 250 -6.41 -4.56 -11.64
C PRO A 250 -7.22 -5.84 -11.74
N GLN A 251 -8.14 -6.06 -10.81
CA GLN A 251 -8.86 -7.32 -10.70
C GLN A 251 -10.34 -7.06 -10.97
N PRO A 252 -11.13 -8.09 -11.28
CA PRO A 252 -12.53 -7.82 -11.65
C PRO A 252 -13.29 -7.11 -10.51
N LEU A 253 -14.08 -6.13 -10.86
CA LEU A 253 -14.81 -5.37 -9.90
C LEU A 253 -15.92 -6.19 -9.28
N LYS A 254 -16.48 -7.12 -10.07
N LYS A 254 -16.46 -7.13 -10.08
CA LYS A 254 -17.55 -7.99 -9.58
CA LYS A 254 -17.57 -7.99 -9.68
C LYS A 254 -18.69 -7.20 -8.90
C LYS A 254 -18.69 -7.22 -8.94
N GLY A 255 -19.01 -6.05 -9.48
CA GLY A 255 -20.17 -5.27 -9.08
C GLY A 255 -20.03 -4.45 -7.82
N ARG A 256 -18.85 -4.46 -7.25
CA ARG A 256 -18.61 -3.69 -6.03
C ARG A 256 -18.84 -2.20 -6.30
N LYS A 257 -19.28 -1.44 -5.29
CA LYS A 257 -19.51 0.00 -5.47
C LYS A 257 -18.31 0.82 -4.97
N VAL A 258 -17.72 1.64 -5.83
CA VAL A 258 -16.67 2.55 -5.44
C VAL A 258 -17.38 3.90 -5.18
N ARG A 259 -17.18 4.44 -3.99
CA ARG A 259 -17.83 5.71 -3.59
C ARG A 259 -16.79 6.78 -3.58
N ALA A 260 -17.22 8.03 -3.82
CA ALA A 260 -16.35 9.16 -3.65
C ALA A 260 -16.77 10.04 -2.46
N SER A 261 -15.75 10.64 -1.82
CA SER A 261 -15.97 11.64 -0.74
C SER A 261 -16.31 13.03 -1.31
N PHE A 262 -16.26 13.19 -2.63
CA PHE A 262 -16.18 14.53 -3.23
C PHE A 262 -16.98 14.45 -4.51
N HIS A 263 -17.47 15.62 -4.93
CA HIS A 263 -18.17 15.83 -6.21
C HIS A 263 -18.19 17.31 -6.42
#